data_4ZEO
#
_entry.id   4ZEO
#
_cell.length_a   74.790
_cell.length_b   94.460
_cell.length_c   107.820
_cell.angle_alpha   90.000
_cell.angle_beta   90.000
_cell.angle_gamma   90.000
#
_symmetry.space_group_name_H-M   'P 21 21 21'
#
loop_
_entity.id
_entity.type
_entity.pdbx_description
1 polymer 'Translation initiation factor eif-2b-like protein'
2 water water
#
_entity_poly.entity_id   1
_entity_poly.type   'polypeptide(L)'
_entity_poly.pdbx_seq_one_letter_code
;MAAEGYGAASPATATTQDGAKGAAPPNPAASINSPAPAANPEKLTPAQLKAKAKAEKQARRAAAKEAKSAVAAAGQPAQQ
SGSAGADSKGAAKGKGKQEGQQVPPKGVLVHRPSVSGRRPSIMVVEKDARSGIPECFSHIPMAKRIPTSQAHKDVHPAVL
AVGQQMATFALKDSISRLKATLLAFRKVIESYETPKGNSLSRHFVPHVLNPQIEYLTECRPMCFAMGNAIRLLKAKVNKF
DINTPEDEAKEGLLEWIDFLINERITLAEYVIARNAAQSINDGDTIVTYGRHRLVEKTLLRARKEGKSFNVTVLDDPYVG
EGKELAKVLRHAGIPVLYSPNLGGLRSKVPAASNVFLGGEAIFANGSLHAPSGTADVAMAATNAGAKVIVLCETINFDRE
RVSVDALTYNEIDPERNTGDCFRLLFDNTHERYITGVITEIEFGGGNSPAQAILALLRKQEDPLIA
;
_entity_poly.pdbx_strand_id   H,A
#
# COMPACT_ATOMS: atom_id res chain seq x y z
N HIS A 152 2.67 -1.55 33.23
CA HIS A 152 1.40 -0.84 33.14
C HIS A 152 1.69 0.68 33.14
N LYS A 153 1.56 1.34 34.29
CA LYS A 153 1.78 2.78 34.41
C LYS A 153 0.90 3.60 33.47
N ASP A 154 1.55 4.41 32.64
CA ASP A 154 0.87 5.24 31.65
C ASP A 154 0.84 4.54 30.29
N VAL A 155 1.43 3.36 30.23
CA VAL A 155 1.55 2.65 28.98
C VAL A 155 0.21 2.11 28.51
N HIS A 156 -0.14 2.42 27.27
CA HIS A 156 -1.34 1.89 26.65
C HIS A 156 -1.16 0.37 26.45
N PRO A 157 -2.24 -0.41 26.65
CA PRO A 157 -2.07 -1.87 26.49
C PRO A 157 -1.58 -2.30 25.10
N ALA A 158 -1.97 -1.59 24.04
CA ALA A 158 -1.50 -1.94 22.71
C ALA A 158 0.02 -1.80 22.63
N VAL A 159 0.54 -0.73 23.23
CA VAL A 159 1.98 -0.47 23.25
C VAL A 159 2.72 -1.51 24.10
N LEU A 160 2.11 -1.89 25.21
CA LEU A 160 2.66 -2.87 26.12
C LEU A 160 2.91 -4.22 25.40
N ALA A 161 1.91 -4.67 24.64
CA ALA A 161 1.99 -5.90 23.88
C ALA A 161 3.08 -5.82 22.81
N VAL A 162 3.13 -4.72 22.08
CA VAL A 162 4.16 -4.57 21.04
C VAL A 162 5.58 -4.57 21.62
N GLY A 163 5.79 -3.85 22.73
CA GLY A 163 7.09 -3.80 23.38
C GLY A 163 7.53 -5.16 23.89
N GLN A 164 6.58 -5.88 24.46
CA GLN A 164 6.88 -7.22 24.93
C GLN A 164 7.35 -8.08 23.74
N GLN A 165 6.70 -7.91 22.59
CA GLN A 165 7.11 -8.62 21.38
C GLN A 165 8.51 -8.25 20.94
N MET A 166 8.87 -6.98 21.08
CA MET A 166 10.23 -6.54 20.75
C MET A 166 11.27 -7.14 21.71
N ALA A 167 11.01 -7.06 23.01
CA ALA A 167 11.91 -7.58 24.03
C ALA A 167 11.98 -9.11 24.02
N THR A 168 10.88 -9.75 23.66
CA THR A 168 10.78 -11.22 23.54
C THR A 168 11.58 -11.69 22.33
N PHE A 169 11.79 -10.76 21.40
CA PHE A 169 12.50 -10.98 20.16
C PHE A 169 11.56 -11.65 19.16
N ALA A 170 10.26 -11.59 19.45
CA ALA A 170 9.22 -12.01 18.52
C ALA A 170 9.17 -11.05 17.31
N LEU A 171 9.36 -9.76 17.56
CA LEU A 171 9.49 -8.80 16.46
C LEU A 171 10.95 -8.43 16.29
N LYS A 172 11.54 -8.79 15.14
CA LYS A 172 12.98 -8.57 14.97
C LYS A 172 13.39 -7.44 14.05
N ASP A 173 12.89 -7.41 12.83
CA ASP A 173 13.36 -6.39 11.90
C ASP A 173 12.75 -5.01 12.18
N SER A 174 13.46 -3.98 11.73
CA SER A 174 13.12 -2.59 11.98
C SER A 174 11.76 -2.21 11.36
N ILE A 175 11.47 -2.75 10.18
CA ILE A 175 10.22 -2.44 9.50
C ILE A 175 9.01 -3.05 10.22
N SER A 176 9.12 -4.31 10.67
CA SER A 176 8.06 -4.96 11.45
C SER A 176 7.86 -4.22 12.74
N ARG A 177 8.98 -3.84 13.35
CA ARG A 177 8.90 -3.11 14.59
C ARG A 177 8.18 -1.78 14.36
N LEU A 178 8.52 -1.09 13.29
CA LEU A 178 7.94 0.21 13.00
C LEU A 178 6.40 0.13 12.79
N LYS A 179 5.98 -0.85 11.98
CA LYS A 179 4.56 -1.02 11.69
C LYS A 179 3.76 -1.35 12.95
N ALA A 180 4.28 -2.25 13.78
CA ALA A 180 3.60 -2.63 15.01
C ALA A 180 3.46 -1.39 15.90
N THR A 181 4.54 -0.60 15.96
CA THR A 181 4.55 0.63 16.73
C THR A 181 3.54 1.65 16.23
N LEU A 182 3.50 1.86 14.91
CA LEU A 182 2.57 2.84 14.35
C LEU A 182 1.12 2.42 14.59
N LEU A 183 0.83 1.13 14.49
CA LEU A 183 -0.51 0.63 14.75
C LEU A 183 -0.89 0.75 16.23
N ALA A 184 0.04 0.49 17.13
CA ALA A 184 -0.25 0.66 18.56
C ALA A 184 -0.50 2.13 18.86
N PHE A 185 0.34 2.99 18.29
CA PHE A 185 0.18 4.44 18.45
C PHE A 185 -1.18 4.90 17.88
N ARG A 186 -1.61 4.23 16.83
CA ARG A 186 -2.88 4.54 16.23
C ARG A 186 -3.98 4.34 17.27
N LYS A 187 -3.88 3.23 18.00
CA LYS A 187 -4.84 2.90 19.04
C LYS A 187 -4.75 3.90 20.21
N VAL A 188 -3.54 4.34 20.54
CA VAL A 188 -3.31 5.31 21.61
C VAL A 188 -4.04 6.62 21.30
N ILE A 189 -3.94 7.07 20.06
CA ILE A 189 -4.64 8.28 19.62
C ILE A 189 -6.15 8.11 19.67
N GLU A 190 -6.65 6.94 19.25
CA GLU A 190 -8.08 6.66 19.29
C GLU A 190 -8.58 6.79 20.72
N SER A 191 -7.84 6.21 21.64
CA SER A 191 -8.19 6.20 23.05
C SER A 191 -8.07 7.58 23.68
N TYR A 192 -7.20 8.41 23.12
CA TYR A 192 -6.85 9.67 23.77
C TYR A 192 -8.04 10.62 23.99
N GLU A 193 -8.12 11.16 25.20
CA GLU A 193 -9.09 12.20 25.54
C GLU A 193 -8.38 13.38 26.17
N THR A 194 -8.57 14.57 25.60
CA THR A 194 -7.92 15.76 26.14
C THR A 194 -8.44 16.08 27.53
N PRO A 195 -7.54 16.34 28.48
CA PRO A 195 -7.93 16.76 29.83
C PRO A 195 -8.64 18.11 29.81
N LYS A 196 -9.53 18.35 30.78
CA LYS A 196 -10.38 19.54 30.78
C LYS A 196 -9.50 20.79 30.86
N GLY A 197 -9.80 21.80 30.05
CA GLY A 197 -8.98 23.00 30.03
C GLY A 197 -7.60 22.82 29.42
N ASN A 198 -7.45 21.83 28.55
CA ASN A 198 -6.17 21.55 27.93
C ASN A 198 -6.34 21.26 26.44
N SER A 199 -5.25 21.27 25.68
CA SER A 199 -5.31 20.95 24.27
C SER A 199 -4.37 19.79 23.97
N LEU A 200 -4.68 19.03 22.94
CA LEU A 200 -3.83 17.93 22.52
C LEU A 200 -2.45 18.48 22.16
N SER A 201 -2.42 19.65 21.53
CA SER A 201 -1.19 20.28 21.06
C SER A 201 -0.20 20.52 22.19
N ARG A 202 -0.72 20.72 23.40
CA ARG A 202 0.10 20.94 24.58
C ARG A 202 0.27 19.69 25.49
N HIS A 203 -0.79 18.91 25.64
CA HIS A 203 -0.82 17.74 26.54
C HIS A 203 -0.28 16.41 25.99
N PHE A 204 -0.62 16.10 24.74
CA PHE A 204 -0.44 14.76 24.21
C PHE A 204 1.01 14.23 24.20
N VAL A 205 1.94 15.01 23.67
CA VAL A 205 3.31 14.52 23.57
C VAL A 205 3.97 14.28 24.94
N PRO A 206 3.96 15.28 25.84
CA PRO A 206 4.66 14.91 27.08
C PRO A 206 3.93 13.90 28.01
N HIS A 207 2.61 13.96 28.10
CA HIS A 207 1.87 13.10 29.03
C HIS A 207 1.43 11.74 28.51
N VAL A 208 1.20 11.62 27.21
CA VAL A 208 0.74 10.37 26.64
C VAL A 208 1.73 9.68 25.69
N LEU A 209 2.20 10.38 24.67
CA LEU A 209 3.07 9.76 23.69
C LEU A 209 4.43 9.37 24.24
N ASN A 210 5.08 10.28 24.95
CA ASN A 210 6.43 10.05 25.45
C ASN A 210 6.53 8.86 26.42
N PRO A 211 5.53 8.66 27.31
CA PRO A 211 5.60 7.43 28.13
C PRO A 211 5.60 6.13 27.30
N GLN A 212 4.87 6.09 26.18
CA GLN A 212 4.91 4.92 25.30
C GLN A 212 6.31 4.74 24.69
N ILE A 213 6.90 5.82 24.22
CA ILE A 213 8.24 5.77 23.65
C ILE A 213 9.27 5.29 24.67
N GLU A 214 9.15 5.80 25.89
CA GLU A 214 10.09 5.44 26.94
C GLU A 214 9.96 3.96 27.25
N TYR A 215 8.74 3.46 27.27
CA TYR A 215 8.54 2.07 27.52
C TYR A 215 9.14 1.20 26.42
N LEU A 216 8.90 1.57 25.17
CA LEU A 216 9.43 0.82 24.04
C LEU A 216 10.96 0.80 24.01
N THR A 217 11.54 1.92 24.37
CA THR A 217 12.99 2.07 24.45
C THR A 217 13.58 1.16 25.51
N GLU A 218 12.84 0.99 26.59
CA GLU A 218 13.24 0.11 27.67
C GLU A 218 13.25 -1.35 27.22
N CYS A 219 12.24 -1.74 26.42
CA CYS A 219 12.12 -3.10 25.86
C CYS A 219 13.26 -3.42 24.92
N ARG A 220 13.59 -2.47 24.06
CA ARG A 220 14.72 -2.59 23.16
C ARG A 220 15.12 -1.23 22.65
N PRO A 221 16.43 -0.99 22.47
CA PRO A 221 16.82 0.27 21.84
C PRO A 221 16.13 0.41 20.49
N MET A 222 15.60 1.59 20.23
CA MET A 222 14.81 1.83 19.03
C MET A 222 15.67 1.90 17.77
N CYS A 223 15.13 1.36 16.67
CA CYS A 223 15.78 1.44 15.37
C CYS A 223 15.56 2.86 14.75
N PHE A 224 16.31 3.18 13.69
CA PHE A 224 16.19 4.48 13.04
C PHE A 224 14.76 4.71 12.54
N ALA A 225 14.13 3.63 12.05
CA ALA A 225 12.77 3.70 11.49
C ALA A 225 11.77 4.25 12.50
N MET A 226 11.83 3.72 13.72
CA MET A 226 11.02 4.19 14.82
C MET A 226 11.40 5.62 15.20
N GLY A 227 12.70 5.89 15.27
CA GLY A 227 13.15 7.22 15.61
C GLY A 227 12.64 8.23 14.61
N ASN A 228 12.72 7.89 13.32
CA ASN A 228 12.27 8.80 12.26
C ASN A 228 10.76 9.03 12.28
N ALA A 229 10.00 7.95 12.44
CA ALA A 229 8.55 8.08 12.47
C ALA A 229 8.08 8.96 13.63
N ILE A 230 8.73 8.80 14.79
CA ILE A 230 8.42 9.55 16.00
C ILE A 230 8.70 11.04 15.81
N ARG A 231 9.83 11.35 15.18
CA ARG A 231 10.16 12.75 14.89
C ARG A 231 9.10 13.34 13.97
N LEU A 232 8.69 12.59 12.95
CA LEU A 232 7.64 13.06 12.02
C LEU A 232 6.29 13.23 12.70
N LEU A 233 5.91 12.29 13.55
CA LEU A 233 4.65 12.39 14.28
C LEU A 233 4.62 13.58 15.21
N LYS A 234 5.69 13.78 15.96
CA LYS A 234 5.74 14.91 16.88
C LYS A 234 5.66 16.21 16.11
N ALA A 235 6.31 16.30 14.94
CA ALA A 235 6.16 17.50 14.12
C ALA A 235 4.70 17.71 13.71
N LYS A 236 4.00 16.62 13.36
CA LYS A 236 2.58 16.68 13.00
C LYS A 236 1.74 17.22 14.14
N VAL A 237 2.00 16.74 15.36
CA VAL A 237 1.29 17.24 16.52
C VAL A 237 1.53 18.74 16.70
N ASN A 238 2.76 19.16 16.48
CA ASN A 238 3.12 20.56 16.62
C ASN A 238 2.43 21.50 15.62
N LYS A 239 1.91 20.97 14.50
CA LYS A 239 1.21 21.83 13.52
C LYS A 239 -0.17 22.26 14.05
N PHE A 240 -0.67 21.52 15.02
CA PHE A 240 -1.91 21.85 15.73
C PHE A 240 -1.74 22.99 16.75
N ASP A 241 -2.85 23.67 17.05
CA ASP A 241 -2.86 24.75 18.04
C ASP A 241 -3.89 24.47 19.14
N ILE A 242 -3.86 25.29 20.18
CA ILE A 242 -4.81 25.15 21.29
C ILE A 242 -6.27 25.26 20.80
N ASN A 243 -6.49 26.07 19.76
CA ASN A 243 -7.81 26.25 19.17
C ASN A 243 -8.27 25.07 18.31
N THR A 244 -7.34 24.21 17.89
CA THR A 244 -7.71 23.02 17.11
C THR A 244 -8.66 22.13 17.91
N PRO A 245 -9.78 21.72 17.30
CA PRO A 245 -10.69 20.77 17.96
C PRO A 245 -10.11 19.35 17.97
N GLU A 246 -10.40 18.61 19.03
CA GLU A 246 -9.79 17.31 19.29
C GLU A 246 -10.15 16.23 18.27
N ASP A 247 -11.44 16.04 18.02
CA ASP A 247 -11.90 15.10 17.00
C ASP A 247 -11.19 15.33 15.65
N GLU A 248 -11.02 16.60 15.26
CA GLU A 248 -10.38 16.95 14.00
C GLU A 248 -8.88 16.70 14.03
N ALA A 249 -8.26 16.93 15.18
CA ALA A 249 -6.83 16.62 15.35
C ALA A 249 -6.59 15.12 15.34
N LYS A 250 -7.43 14.39 16.05
CA LYS A 250 -7.26 12.94 16.13
C LYS A 250 -7.41 12.32 14.75
N GLU A 251 -8.41 12.78 14.00
CA GLU A 251 -8.67 12.22 12.68
C GLU A 251 -7.48 12.50 11.74
N GLY A 252 -6.90 13.69 11.86
CA GLY A 252 -5.71 14.06 11.09
C GLY A 252 -4.50 13.19 11.40
N LEU A 253 -4.29 12.89 12.68
CA LEU A 253 -3.18 12.03 13.09
C LEU A 253 -3.40 10.61 12.57
N LEU A 254 -4.65 10.14 12.61
CA LEU A 254 -4.98 8.79 12.16
C LEU A 254 -4.75 8.64 10.66
N GLU A 255 -5.08 9.67 9.89
CA GLU A 255 -4.90 9.58 8.45
C GLU A 255 -3.44 9.79 8.10
N TRP A 256 -2.73 10.51 8.96
CA TRP A 256 -1.30 10.68 8.78
C TRP A 256 -0.52 9.37 9.05
N ILE A 257 -0.91 8.64 10.07
CA ILE A 257 -0.31 7.34 10.36
C ILE A 257 -0.56 6.34 9.23
N ASP A 258 -1.79 6.33 8.73
CA ASP A 258 -2.18 5.44 7.66
C ASP A 258 -1.41 5.77 6.39
N PHE A 259 -1.24 7.05 6.17
CA PHE A 259 -0.48 7.53 5.04
C PHE A 259 1.00 7.10 5.18
N LEU A 260 1.54 7.23 6.38
CA LEU A 260 2.93 6.87 6.58
C LEU A 260 3.18 5.37 6.40
N ILE A 261 2.30 4.53 6.96
CA ILE A 261 2.43 3.09 6.83
C ILE A 261 2.37 2.70 5.37
N ASN A 262 1.44 3.30 4.64
CA ASN A 262 1.32 2.96 3.25
C ASN A 262 2.53 3.39 2.42
N GLU A 263 2.95 4.62 2.58
CA GLU A 263 4.03 5.14 1.76
C GLU A 263 5.43 4.66 2.18
N ARG A 264 5.71 4.56 3.47
CA ARG A 264 7.04 4.16 3.90
C ARG A 264 7.19 2.66 4.16
N ILE A 265 6.10 1.91 4.21
CA ILE A 265 6.17 0.46 4.46
C ILE A 265 5.54 -0.36 3.35
N THR A 266 4.21 -0.28 3.25
CA THR A 266 3.47 -1.14 2.33
C THR A 266 3.80 -0.91 0.85
N LEU A 267 3.65 0.30 0.37
CA LEU A 267 3.99 0.62 -1.00
C LEU A 267 5.50 0.51 -1.22
N ALA A 268 6.28 0.88 -0.19
CA ALA A 268 7.73 0.88 -0.29
C ALA A 268 8.27 -0.51 -0.62
N GLU A 269 7.70 -1.54 0.01
CA GLU A 269 8.12 -2.92 -0.26
C GLU A 269 7.86 -3.31 -1.72
N TYR A 270 6.67 -2.97 -2.21
CA TYR A 270 6.31 -3.33 -3.58
C TYR A 270 7.25 -2.63 -4.58
N VAL A 271 7.45 -1.33 -4.40
CA VAL A 271 8.23 -0.54 -5.32
C VAL A 271 9.68 -1.00 -5.34
N ILE A 272 10.27 -1.22 -4.17
CA ILE A 272 11.68 -1.67 -4.09
C ILE A 272 11.84 -3.04 -4.76
N ALA A 273 10.94 -3.97 -4.46
CA ALA A 273 11.04 -5.32 -5.04
C ALA A 273 10.88 -5.24 -6.55
N ARG A 274 9.93 -4.44 -7.00
CA ARG A 274 9.69 -4.31 -8.43
C ARG A 274 10.87 -3.63 -9.12
N ASN A 275 11.33 -2.53 -8.56
CA ASN A 275 12.43 -1.81 -9.20
C ASN A 275 13.74 -2.59 -9.10
N ALA A 276 13.97 -3.31 -8.00
CA ALA A 276 15.18 -4.14 -7.90
C ALA A 276 15.15 -5.34 -8.87
N ALA A 277 13.97 -5.91 -9.08
CA ALA A 277 13.76 -7.02 -10.00
C ALA A 277 14.09 -6.63 -11.46
N GLN A 278 13.98 -5.34 -11.75
CA GLN A 278 14.36 -4.81 -13.06
C GLN A 278 15.84 -5.05 -13.33
N SER A 279 16.64 -5.02 -12.27
CA SER A 279 18.07 -5.28 -12.35
C SER A 279 18.38 -6.74 -12.68
N ILE A 280 17.47 -7.64 -12.34
CA ILE A 280 17.67 -9.05 -12.62
C ILE A 280 17.30 -9.41 -14.05
N ASN A 281 18.17 -10.17 -14.70
CA ASN A 281 17.98 -10.52 -16.11
C ASN A 281 18.14 -12.00 -16.31
N ASP A 282 17.71 -12.50 -17.46
CA ASP A 282 17.80 -13.93 -17.73
C ASP A 282 19.26 -14.38 -17.75
N GLY A 283 19.54 -15.48 -17.08
CA GLY A 283 20.89 -16.02 -16.99
C GLY A 283 21.77 -15.44 -15.89
N ASP A 284 21.20 -14.58 -15.05
CA ASP A 284 21.97 -13.97 -13.95
C ASP A 284 22.24 -14.97 -12.84
N THR A 285 23.31 -14.73 -12.11
CA THR A 285 23.52 -15.43 -10.86
C THR A 285 23.50 -14.41 -9.75
N ILE A 286 22.63 -14.65 -8.80
CA ILE A 286 22.44 -13.74 -7.69
C ILE A 286 23.00 -14.34 -6.41
N VAL A 287 23.69 -13.51 -5.63
CA VAL A 287 24.19 -13.93 -4.33
C VAL A 287 23.49 -13.13 -3.23
N THR A 288 23.08 -13.81 -2.17
CA THR A 288 22.56 -13.07 -1.02
C THR A 288 22.95 -13.80 0.25
N TYR A 289 22.77 -13.12 1.38
CA TYR A 289 23.18 -13.63 2.69
C TYR A 289 22.02 -13.66 3.69
N GLY A 290 21.75 -14.84 4.21
CA GLY A 290 20.67 -15.03 5.17
C GLY A 290 19.34 -14.78 4.50
N ARG A 291 18.34 -14.42 5.30
CA ARG A 291 17.04 -14.12 4.75
C ARG A 291 16.58 -12.71 5.04
N HIS A 292 16.56 -11.87 4.02
CA HIS A 292 16.02 -10.52 4.19
C HIS A 292 14.77 -10.41 3.32
N ARG A 293 13.71 -9.87 3.91
CA ARG A 293 12.41 -9.77 3.24
C ARG A 293 12.45 -9.03 1.89
N LEU A 294 13.18 -7.92 1.80
CA LEU A 294 13.24 -7.18 0.54
C LEU A 294 13.92 -8.02 -0.55
N VAL A 295 14.98 -8.75 -0.18
CA VAL A 295 15.67 -9.62 -1.13
C VAL A 295 14.76 -10.75 -1.61
N GLU A 296 14.06 -11.37 -0.67
CA GLU A 296 13.11 -12.42 -0.97
C GLU A 296 12.01 -11.97 -1.94
N LYS A 297 11.44 -10.79 -1.67
CA LYS A 297 10.38 -10.22 -2.49
C LYS A 297 10.86 -9.94 -3.91
N THR A 298 12.08 -9.44 -4.00
CA THR A 298 12.69 -9.11 -5.29
C THR A 298 12.87 -10.35 -6.14
N LEU A 299 13.43 -11.38 -5.52
CA LEU A 299 13.68 -12.65 -6.21
C LEU A 299 12.36 -13.29 -6.63
N LEU A 300 11.36 -13.27 -5.76
CA LEU A 300 10.05 -13.81 -6.14
C LEU A 300 9.43 -13.00 -7.28
N ARG A 301 9.63 -11.69 -7.26
CA ARG A 301 9.10 -10.83 -8.32
C ARG A 301 9.73 -11.15 -9.69
N ALA A 302 11.05 -11.30 -9.73
CA ALA A 302 11.76 -11.57 -10.99
C ALA A 302 11.31 -12.88 -11.57
N ARG A 303 11.12 -13.86 -10.69
CA ARG A 303 10.64 -15.18 -11.12
C ARG A 303 9.21 -15.08 -11.68
N LYS A 304 8.34 -14.34 -11.00
CA LYS A 304 6.98 -14.16 -11.49
C LYS A 304 6.98 -13.45 -12.83
N GLU A 305 7.96 -12.58 -13.05
CA GLU A 305 8.12 -11.90 -14.34
C GLU A 305 8.59 -12.85 -15.44
N GLY A 306 8.92 -14.09 -15.07
CA GLY A 306 9.28 -15.09 -16.05
C GLY A 306 10.77 -15.27 -16.23
N LYS A 307 11.56 -14.56 -15.42
CA LYS A 307 13.01 -14.60 -15.54
C LYS A 307 13.59 -15.89 -14.97
N SER A 308 14.62 -16.39 -15.62
CA SER A 308 15.31 -17.59 -15.18
C SER A 308 16.72 -17.22 -14.73
N PHE A 309 17.01 -17.53 -13.48
CA PHE A 309 18.26 -17.09 -12.88
C PHE A 309 18.62 -18.03 -11.75
N ASN A 310 19.86 -17.94 -11.31
CA ASN A 310 20.38 -18.75 -10.24
C ASN A 310 20.57 -17.93 -8.99
N VAL A 311 20.33 -18.56 -7.85
CA VAL A 311 20.56 -17.89 -6.58
C VAL A 311 21.48 -18.68 -5.68
N THR A 312 22.47 -17.98 -5.13
CA THR A 312 23.34 -18.56 -4.14
C THR A 312 22.98 -17.93 -2.81
N VAL A 313 22.62 -18.77 -1.84
CA VAL A 313 22.28 -18.28 -0.53
C VAL A 313 23.33 -18.69 0.47
N LEU A 314 23.95 -17.67 1.07
CA LEU A 314 25.00 -17.88 2.05
C LEU A 314 24.37 -17.67 3.42
N ASP A 315 24.93 -18.27 4.47
CA ASP A 315 24.27 -18.13 5.77
C ASP A 315 25.22 -17.94 6.94
N ASP A 316 24.64 -17.58 8.08
CA ASP A 316 25.30 -17.59 9.37
C ASP A 316 24.99 -18.95 9.98
N PRO A 317 26.02 -19.74 10.33
CA PRO A 317 25.85 -21.10 10.84
C PRO A 317 25.05 -21.13 12.15
N TYR A 318 25.17 -20.07 12.93
CA TYR A 318 24.43 -19.91 14.18
C TYR A 318 22.95 -19.51 14.06
N VAL A 319 22.61 -18.70 13.09
CA VAL A 319 21.21 -18.37 12.86
C VAL A 319 20.44 -19.34 11.93
N GLY A 320 20.98 -19.56 10.74
CA GLY A 320 20.39 -20.46 9.75
C GLY A 320 19.14 -20.09 8.98
N GLU A 321 18.72 -18.83 9.05
CA GLU A 321 17.49 -18.40 8.37
C GLU A 321 17.54 -18.56 6.85
N GLY A 322 18.73 -18.48 6.27
CA GLY A 322 18.91 -18.65 4.84
C GLY A 322 18.39 -19.96 4.25
N LYS A 323 18.39 -21.01 5.06
CA LYS A 323 17.87 -22.30 4.64
C LYS A 323 16.36 -22.18 4.35
N GLU A 324 15.65 -21.44 5.18
CA GLU A 324 14.24 -21.16 4.94
C GLU A 324 14.05 -20.33 3.64
N LEU A 325 14.91 -19.35 3.42
CA LEU A 325 14.85 -18.60 2.16
C LEU A 325 15.07 -19.52 0.96
N ALA A 326 16.06 -20.40 1.04
CA ALA A 326 16.35 -21.35 -0.03
C ALA A 326 15.14 -22.24 -0.29
N LYS A 327 14.45 -22.60 0.79
CA LYS A 327 13.24 -23.40 0.69
C LYS A 327 12.18 -22.68 -0.14
N VAL A 328 11.89 -21.43 0.23
CA VAL A 328 10.87 -20.64 -0.44
C VAL A 328 11.19 -20.43 -1.92
N LEU A 329 12.44 -20.09 -2.22
CA LEU A 329 12.86 -19.79 -3.58
C LEU A 329 12.75 -21.04 -4.46
N ARG A 330 13.13 -22.18 -3.89
CA ARG A 330 13.05 -23.46 -4.59
C ARG A 330 11.61 -23.80 -4.92
N HIS A 331 10.70 -23.56 -3.97
CA HIS A 331 9.27 -23.79 -4.15
C HIS A 331 8.73 -22.92 -5.29
N ALA A 332 9.31 -21.73 -5.45
CA ALA A 332 8.94 -20.79 -6.52
C ALA A 332 9.51 -21.21 -7.90
N GLY A 333 10.40 -22.21 -7.91
CA GLY A 333 10.98 -22.73 -9.13
C GLY A 333 12.38 -22.21 -9.46
N ILE A 334 12.96 -21.49 -8.51
CA ILE A 334 14.31 -20.93 -8.64
C ILE A 334 15.36 -21.93 -8.19
N PRO A 335 16.39 -22.17 -9.03
CA PRO A 335 17.49 -23.05 -8.64
C PRO A 335 18.34 -22.37 -7.58
N VAL A 336 18.52 -23.00 -6.43
CA VAL A 336 19.26 -22.38 -5.33
C VAL A 336 20.42 -23.23 -4.83
N LEU A 337 21.56 -22.58 -4.67
CA LEU A 337 22.73 -23.18 -4.03
C LEU A 337 22.85 -22.64 -2.61
N TYR A 338 22.78 -23.53 -1.64
CA TYR A 338 22.77 -23.10 -0.25
C TYR A 338 24.05 -23.43 0.49
N SER A 339 24.58 -22.45 1.20
CA SER A 339 25.72 -22.68 2.05
C SER A 339 25.38 -22.22 3.46
N PRO A 340 25.57 -23.11 4.46
CA PRO A 340 25.30 -22.79 5.86
C PRO A 340 26.28 -21.78 6.44
N ASN A 341 27.39 -21.55 5.77
CA ASN A 341 28.44 -20.68 6.29
C ASN A 341 29.09 -19.80 5.23
N LEU A 342 30.07 -19.00 5.66
CA LEU A 342 30.83 -18.15 4.77
C LEU A 342 32.18 -18.79 4.38
N GLY A 343 32.28 -20.12 4.50
CA GLY A 343 33.50 -20.79 4.11
C GLY A 343 33.70 -20.75 2.61
N GLY A 344 34.94 -20.55 2.17
CA GLY A 344 35.26 -20.48 0.76
C GLY A 344 34.53 -19.35 0.06
N LEU A 345 34.49 -18.20 0.72
CA LEU A 345 33.72 -17.06 0.25
C LEU A 345 34.08 -16.53 -1.14
N ARG A 346 35.38 -16.46 -1.43
CA ARG A 346 35.84 -15.95 -2.72
C ARG A 346 35.31 -16.81 -3.87
N SER A 347 35.25 -18.13 -3.65
CA SER A 347 34.64 -19.07 -4.58
C SER A 347 33.16 -18.73 -4.86
N LYS A 348 32.41 -18.46 -3.79
CA LYS A 348 30.96 -18.27 -3.85
C LYS A 348 30.53 -16.97 -4.56
N VAL A 349 31.39 -15.95 -4.53
CA VAL A 349 31.06 -14.68 -5.16
C VAL A 349 31.95 -14.31 -6.36
N PRO A 350 31.62 -14.81 -7.56
CA PRO A 350 32.43 -14.50 -8.74
C PRO A 350 32.18 -13.08 -9.22
N ALA A 351 33.00 -12.58 -10.15
CA ALA A 351 32.84 -11.22 -10.66
C ALA A 351 31.49 -11.04 -11.37
N ALA A 352 31.09 -12.03 -12.15
CA ALA A 352 29.86 -11.93 -12.94
C ALA A 352 28.57 -11.91 -12.12
N SER A 353 28.60 -12.46 -10.91
CA SER A 353 27.41 -12.55 -10.06
C SER A 353 26.93 -11.16 -9.57
N ASN A 354 25.68 -11.08 -9.14
CA ASN A 354 25.20 -9.87 -8.50
C ASN A 354 24.77 -10.14 -7.06
N VAL A 355 25.23 -9.31 -6.14
CA VAL A 355 24.93 -9.50 -4.74
C VAL A 355 23.83 -8.53 -4.31
N PHE A 356 22.73 -9.08 -3.77
CA PHE A 356 21.64 -8.27 -3.25
C PHE A 356 21.60 -8.47 -1.75
N LEU A 357 21.67 -7.38 -1.01
CA LEU A 357 21.66 -7.40 0.44
C LEU A 357 20.59 -6.48 1.02
N GLY A 358 20.10 -6.85 2.20
CA GLY A 358 19.18 -6.03 2.96
C GLY A 358 19.74 -5.88 4.36
N GLY A 359 19.25 -4.88 5.10
CA GLY A 359 19.77 -4.57 6.41
C GLY A 359 18.75 -4.04 7.41
N GLU A 360 19.24 -3.50 8.51
CA GLU A 360 18.41 -2.87 9.52
C GLU A 360 18.40 -1.35 9.40
N ALA A 361 19.49 -0.77 8.92
CA ALA A 361 19.59 0.69 8.83
C ALA A 361 20.71 1.13 7.92
N ILE A 362 20.66 2.39 7.51
CA ILE A 362 21.79 3.00 6.82
C ILE A 362 22.19 4.25 7.56
N PHE A 363 23.46 4.32 7.91
CA PHE A 363 23.97 5.44 8.70
C PHE A 363 24.21 6.64 7.81
N ALA A 364 24.46 7.77 8.46
CA ALA A 364 24.71 9.05 7.79
C ALA A 364 25.93 8.98 6.87
N ASN A 365 26.94 8.20 7.27
CA ASN A 365 28.14 8.00 6.44
C ASN A 365 27.93 7.03 5.28
N GLY A 366 26.72 6.49 5.16
CA GLY A 366 26.39 5.62 4.05
C GLY A 366 26.62 4.13 4.30
N SER A 367 27.01 3.76 5.51
CA SER A 367 27.26 2.35 5.79
C SER A 367 25.98 1.63 6.18
N LEU A 368 25.98 0.32 5.97
CA LEU A 368 24.82 -0.50 6.19
C LEU A 368 24.96 -1.28 7.49
N HIS A 369 23.96 -1.09 8.36
CA HIS A 369 23.81 -1.85 9.59
C HIS A 369 23.01 -3.12 9.26
N ALA A 370 23.61 -4.29 9.40
CA ALA A 370 22.98 -5.51 8.92
C ALA A 370 23.50 -6.71 9.75
N PRO A 371 22.80 -7.86 9.69
CA PRO A 371 23.26 -9.01 10.49
C PRO A 371 24.69 -9.37 10.20
N SER A 372 25.37 -9.77 11.25
CA SER A 372 26.79 -10.01 11.22
C SER A 372 27.16 -11.04 10.13
N GLY A 373 28.19 -10.74 9.35
CA GLY A 373 28.56 -11.54 8.19
C GLY A 373 28.17 -10.93 6.85
N THR A 374 27.29 -9.91 6.87
CA THR A 374 26.92 -9.19 5.65
C THR A 374 28.12 -8.44 5.06
N ALA A 375 28.92 -7.84 5.95
CA ALA A 375 30.10 -7.08 5.56
C ALA A 375 31.13 -7.95 4.85
N ASP A 376 31.31 -9.19 5.33
CA ASP A 376 32.28 -10.08 4.70
C ASP A 376 31.86 -10.38 3.27
N VAL A 377 30.56 -10.59 3.07
CA VAL A 377 29.99 -10.85 1.75
C VAL A 377 30.20 -9.66 0.80
N ALA A 378 29.86 -8.46 1.27
CA ALA A 378 30.03 -7.23 0.49
C ALA A 378 31.52 -6.94 0.19
N MET A 379 32.39 -7.15 1.16
CA MET A 379 33.81 -6.94 0.94
C MET A 379 34.38 -7.92 -0.10
N ALA A 380 33.98 -9.19 -0.01
CA ALA A 380 34.44 -10.22 -0.93
C ALA A 380 33.99 -9.92 -2.36
N ALA A 381 32.74 -9.50 -2.50
CA ALA A 381 32.17 -9.16 -3.78
C ALA A 381 32.84 -7.92 -4.41
N THR A 382 33.07 -6.89 -3.58
CA THR A 382 33.68 -5.67 -4.05
C THR A 382 35.07 -5.98 -4.61
N ASN A 383 35.77 -6.93 -3.98
CA ASN A 383 37.11 -7.30 -4.45
C ASN A 383 37.11 -8.11 -5.74
N ALA A 384 36.07 -8.91 -5.93
CA ALA A 384 35.86 -9.66 -7.14
C ALA A 384 35.44 -8.78 -8.35
N GLY A 385 34.91 -7.59 -8.08
CA GLY A 385 34.37 -6.75 -9.15
C GLY A 385 32.86 -6.93 -9.34
N ALA A 386 32.26 -7.71 -8.45
CA ALA A 386 30.83 -7.97 -8.48
C ALA A 386 30.03 -6.78 -7.94
N LYS A 387 28.83 -6.57 -8.49
CA LYS A 387 27.96 -5.52 -8.01
C LYS A 387 27.36 -5.85 -6.64
N VAL A 388 27.33 -4.88 -5.74
CA VAL A 388 26.70 -5.09 -4.46
C VAL A 388 25.55 -4.11 -4.37
N ILE A 389 24.34 -4.64 -4.41
CA ILE A 389 23.12 -3.84 -4.37
C ILE A 389 22.44 -4.01 -3.05
N VAL A 390 22.23 -2.88 -2.39
CA VAL A 390 21.55 -2.89 -1.10
C VAL A 390 20.15 -2.35 -1.26
N LEU A 391 19.18 -3.10 -0.71
CA LEU A 391 17.75 -2.76 -0.77
C LEU A 391 17.29 -2.27 0.59
N CYS A 392 16.74 -1.05 0.63
CA CYS A 392 16.37 -0.48 1.91
C CYS A 392 15.34 0.67 1.79
N GLU A 393 14.40 0.71 2.72
CA GLU A 393 13.38 1.76 2.75
C GLU A 393 14.03 3.04 3.27
N THR A 394 13.56 4.18 2.80
CA THR A 394 14.15 5.47 3.16
C THR A 394 14.03 5.73 4.66
N ILE A 395 12.96 5.20 5.27
CA ILE A 395 12.67 5.42 6.70
C ILE A 395 13.76 4.80 7.61
N ASN A 396 14.54 3.86 7.05
CA ASN A 396 15.64 3.22 7.74
C ASN A 396 16.95 4.05 7.70
N PHE A 397 16.98 5.11 6.89
CA PHE A 397 18.14 6.00 6.83
C PHE A 397 18.24 6.91 8.03
N ASP A 398 19.46 7.17 8.44
CA ASP A 398 19.70 8.16 9.46
C ASP A 398 19.78 9.49 8.71
N ARG A 399 18.72 10.28 8.75
CA ARG A 399 18.70 11.51 7.99
C ARG A 399 19.26 12.65 8.84
N GLU A 400 19.09 12.50 10.16
CA GLU A 400 19.60 13.47 11.13
C GLU A 400 20.87 12.98 11.85
N ARG A 401 22.04 13.42 11.37
CA ARG A 401 23.34 13.24 12.04
C ARG A 401 24.48 13.81 11.19
N CYS A 421 24.27 -8.31 24.08
CA CYS A 421 22.86 -8.03 23.83
C CYS A 421 22.55 -7.92 22.33
N PHE A 422 21.62 -7.05 21.98
CA PHE A 422 21.12 -6.94 20.60
C PHE A 422 22.17 -6.43 19.60
N ARG A 423 23.06 -5.56 20.06
CA ARG A 423 24.02 -4.88 19.19
C ARG A 423 25.03 -5.84 18.54
N LEU A 424 25.51 -6.81 19.33
CA LEU A 424 26.56 -7.74 18.92
C LEU A 424 26.32 -8.52 17.61
N LEU A 425 25.05 -8.79 17.28
CA LEU A 425 24.76 -9.63 16.13
C LEU A 425 24.58 -8.84 14.83
N PHE A 426 25.13 -7.63 14.82
CA PHE A 426 25.11 -6.76 13.64
C PHE A 426 26.54 -6.41 13.29
N ASP A 427 26.81 -6.18 12.00
CA ASP A 427 28.11 -5.63 11.62
C ASP A 427 27.90 -4.42 10.70
N ASN A 428 28.97 -3.70 10.40
CA ASN A 428 28.88 -2.52 9.57
C ASN A 428 29.48 -2.69 8.18
N THR A 429 28.69 -2.46 7.15
CA THR A 429 29.26 -2.52 5.81
C THR A 429 29.54 -1.11 5.32
N HIS A 430 30.83 -0.77 5.19
CA HIS A 430 31.25 0.57 4.76
C HIS A 430 30.74 0.82 3.34
N GLU A 431 30.38 2.06 3.02
CA GLU A 431 29.81 2.39 1.71
C GLU A 431 30.73 2.03 0.53
N ARG A 432 32.02 1.95 0.81
CA ARG A 432 33.04 1.57 -0.14
C ARG A 432 32.75 0.17 -0.72
N TYR A 433 32.01 -0.64 0.04
CA TYR A 433 31.70 -2.00 -0.40
C TYR A 433 30.28 -2.10 -0.93
N ILE A 434 29.63 -0.95 -1.10
CA ILE A 434 28.29 -0.92 -1.65
C ILE A 434 28.27 -0.18 -2.99
N THR A 435 27.85 -0.88 -4.04
CA THR A 435 27.73 -0.30 -5.38
C THR A 435 26.61 0.72 -5.44
N GLY A 436 25.45 0.33 -4.91
CA GLY A 436 24.33 1.25 -4.90
C GLY A 436 23.22 0.76 -3.99
N VAL A 437 22.35 1.70 -3.62
CA VAL A 437 21.21 1.39 -2.77
C VAL A 437 19.90 1.67 -3.51
N ILE A 438 18.99 0.71 -3.50
CA ILE A 438 17.68 0.94 -4.08
C ILE A 438 16.64 1.17 -2.97
N THR A 439 15.94 2.31 -3.03
CA THR A 439 14.92 2.67 -2.05
C THR A 439 13.59 2.79 -2.79
N GLU A 440 12.52 3.11 -2.06
CA GLU A 440 11.22 3.31 -2.66
C GLU A 440 11.13 4.62 -3.48
N ILE A 441 12.15 5.49 -3.38
CA ILE A 441 12.14 6.75 -4.12
C ILE A 441 12.33 6.51 -5.61
N GLU A 442 11.36 6.91 -6.42
CA GLU A 442 11.45 6.75 -7.88
C GLU A 442 11.83 8.01 -8.64
N PHE A 443 11.42 9.17 -8.17
CA PHE A 443 11.77 10.40 -8.87
C PHE A 443 12.43 11.43 -7.95
N GLN B 150 -26.72 9.76 21.28
CA GLN B 150 -27.51 8.55 21.16
C GLN B 150 -27.31 7.90 19.79
N ALA B 151 -27.51 6.59 19.70
CA ALA B 151 -27.30 5.87 18.45
C ALA B 151 -28.63 5.48 17.79
N HIS B 152 -28.56 5.18 16.49
CA HIS B 152 -29.72 4.77 15.69
C HIS B 152 -29.84 3.25 15.52
N LYS B 153 -30.80 2.64 16.22
CA LYS B 153 -31.03 1.19 16.21
C LYS B 153 -29.78 0.41 16.65
N ASP B 154 -29.37 -0.57 15.86
CA ASP B 154 -28.16 -1.33 16.15
C ASP B 154 -27.01 -0.84 15.33
N VAL B 155 -27.24 0.20 14.54
CA VAL B 155 -26.21 0.71 13.65
C VAL B 155 -25.08 1.33 14.45
N HIS B 156 -23.85 0.88 14.15
CA HIS B 156 -22.64 1.42 14.76
C HIS B 156 -22.50 2.87 14.32
N PRO B 157 -22.05 3.76 15.21
CA PRO B 157 -21.90 5.18 14.84
C PRO B 157 -20.96 5.43 13.65
N ALA B 158 -19.89 4.65 13.53
CA ALA B 158 -18.98 4.77 12.39
C ALA B 158 -19.69 4.44 11.08
N VAL B 159 -20.51 3.39 11.11
CA VAL B 159 -21.31 3.00 9.95
C VAL B 159 -22.37 4.06 9.67
N LEU B 160 -22.89 4.64 10.75
CA LEU B 160 -23.88 5.70 10.63
C LEU B 160 -23.32 6.89 9.86
N ALA B 161 -22.10 7.28 10.21
CA ALA B 161 -21.44 8.41 9.58
C ALA B 161 -21.17 8.18 8.08
N VAL B 162 -20.64 7.01 7.74
CA VAL B 162 -20.29 6.65 6.36
C VAL B 162 -21.53 6.60 5.49
N GLY B 163 -22.58 5.99 6.02
CA GLY B 163 -23.83 5.91 5.28
C GLY B 163 -24.37 7.29 5.02
N GLN B 164 -24.32 8.15 6.03
CA GLN B 164 -24.79 9.53 5.85
C GLN B 164 -23.98 10.24 4.76
N GLN B 165 -22.67 10.01 4.75
CA GLN B 165 -21.84 10.56 3.69
C GLN B 165 -22.23 9.99 2.33
N MET B 166 -22.62 8.73 2.29
CA MET B 166 -23.07 8.15 1.01
C MET B 166 -24.38 8.78 0.54
N ALA B 167 -25.33 8.91 1.45
CA ALA B 167 -26.65 9.47 1.16
C ALA B 167 -26.59 10.96 0.79
N THR B 168 -25.68 11.69 1.44
CA THR B 168 -25.40 13.11 1.22
C THR B 168 -24.69 13.36 -0.10
N PHE B 169 -24.09 12.31 -0.64
CA PHE B 169 -23.32 12.34 -1.88
C PHE B 169 -21.94 12.94 -1.64
N ALA B 170 -21.54 12.97 -0.37
CA ALA B 170 -20.18 13.34 0.02
C ALA B 170 -19.17 12.28 -0.48
N LEU B 171 -19.55 11.00 -0.42
CA LEU B 171 -18.77 9.90 -1.00
C LEU B 171 -19.40 9.50 -2.31
N LYS B 172 -18.74 9.74 -3.43
CA LYS B 172 -19.42 9.52 -4.70
C LYS B 172 -18.98 8.25 -5.40
N ASP B 173 -17.68 8.07 -5.62
CA ASP B 173 -17.19 6.89 -6.35
C ASP B 173 -17.16 5.61 -5.51
N SER B 174 -17.20 4.47 -6.20
CA SER B 174 -17.28 3.17 -5.54
C SER B 174 -16.08 2.83 -4.67
N ILE B 175 -14.88 3.22 -5.10
CA ILE B 175 -13.68 2.88 -4.34
C ILE B 175 -13.62 3.65 -3.00
N SER B 176 -13.99 4.92 -3.04
CA SER B 176 -14.08 5.72 -1.82
C SER B 176 -15.15 5.14 -0.88
N ARG B 177 -16.27 4.72 -1.47
CA ARG B 177 -17.34 4.13 -0.69
C ARG B 177 -16.85 2.86 -0.02
N LEU B 178 -16.13 2.04 -0.80
CA LEU B 178 -15.61 0.79 -0.29
C LEU B 178 -14.62 0.95 0.86
N LYS B 179 -13.66 1.86 0.71
CA LYS B 179 -12.67 2.07 1.75
C LYS B 179 -13.31 2.57 3.03
N ALA B 180 -14.24 3.51 2.90
CA ALA B 180 -14.93 4.07 4.05
C ALA B 180 -15.74 2.98 4.76
N THR B 181 -16.36 2.11 3.97
CA THR B 181 -17.13 1.00 4.53
C THR B 181 -16.25 0.06 5.32
N LEU B 182 -15.15 -0.35 4.72
CA LEU B 182 -14.22 -1.29 5.33
C LEU B 182 -13.59 -0.73 6.58
N LEU B 183 -13.28 0.56 6.57
CA LEU B 183 -12.75 1.19 7.77
C LEU B 183 -13.81 1.24 8.87
N ALA B 184 -15.07 1.45 8.49
CA ALA B 184 -16.17 1.40 9.47
C ALA B 184 -16.37 0.00 10.00
N PHE B 185 -16.37 -0.97 9.10
CA PHE B 185 -16.53 -2.37 9.48
C PHE B 185 -15.38 -2.75 10.43
N ARG B 186 -14.22 -2.15 10.22
CA ARG B 186 -13.09 -2.41 11.08
C ARG B 186 -13.44 -2.00 12.52
N LYS B 187 -14.04 -0.83 12.70
CA LYS B 187 -14.44 -0.35 14.02
C LYS B 187 -15.57 -1.20 14.64
N VAL B 188 -16.48 -1.67 13.79
CA VAL B 188 -17.56 -2.54 14.26
C VAL B 188 -16.97 -3.80 14.88
N ILE B 189 -15.99 -4.39 14.19
CA ILE B 189 -15.30 -5.57 14.66
C ILE B 189 -14.51 -5.27 15.93
N GLU B 190 -13.90 -4.11 15.99
CA GLU B 190 -13.21 -3.68 17.20
C GLU B 190 -14.19 -3.61 18.37
N SER B 191 -15.35 -3.00 18.14
CA SER B 191 -16.35 -2.81 19.18
C SER B 191 -17.01 -4.11 19.63
N TYR B 192 -17.08 -5.05 18.71
CA TYR B 192 -17.87 -6.25 18.92
C TYR B 192 -17.48 -7.07 20.15
N GLU B 193 -18.47 -7.52 20.91
CA GLU B 193 -18.18 -8.44 21.99
C GLU B 193 -19.11 -9.64 21.86
N THR B 194 -18.53 -10.84 21.80
CA THR B 194 -19.32 -12.05 21.66
C THR B 194 -20.18 -12.26 22.90
N PRO B 195 -21.48 -12.52 22.69
CA PRO B 195 -22.35 -12.82 23.83
C PRO B 195 -21.94 -14.13 24.49
N LYS B 196 -22.08 -14.23 25.80
CA LYS B 196 -21.64 -15.42 26.50
C LYS B 196 -22.48 -16.62 26.08
N GLY B 197 -21.83 -17.77 25.92
CA GLY B 197 -22.51 -18.96 25.44
C GLY B 197 -22.83 -18.83 23.96
N ASN B 198 -22.10 -17.96 23.28
CA ASN B 198 -22.29 -17.74 21.85
C ASN B 198 -20.96 -17.64 21.13
N SER B 199 -20.96 -17.75 19.80
CA SER B 199 -19.72 -17.60 19.05
C SER B 199 -19.80 -16.53 17.96
N LEU B 200 -18.66 -15.91 17.69
CA LEU B 200 -18.52 -14.93 16.63
C LEU B 200 -18.86 -15.52 15.25
N SER B 201 -18.47 -16.77 15.04
CA SER B 201 -18.74 -17.48 13.79
C SER B 201 -20.24 -17.58 13.49
N ARG B 202 -21.04 -17.71 14.54
CA ARG B 202 -22.50 -17.77 14.41
C ARG B 202 -23.22 -16.45 14.56
N HIS B 203 -22.86 -15.71 15.61
CA HIS B 203 -23.57 -14.50 16.01
C HIS B 203 -23.32 -13.24 15.17
N PHE B 204 -22.06 -12.99 14.82
CA PHE B 204 -21.65 -11.68 14.31
C PHE B 204 -22.35 -11.26 13.02
N VAL B 205 -22.32 -12.12 12.01
CA VAL B 205 -22.86 -11.75 10.71
C VAL B 205 -24.38 -11.49 10.70
N PRO B 206 -25.20 -12.41 11.24
CA PRO B 206 -26.63 -12.11 11.15
C PRO B 206 -27.13 -11.00 12.08
N HIS B 207 -26.59 -10.93 13.31
CA HIS B 207 -27.03 -9.96 14.32
C HIS B 207 -26.34 -8.58 14.33
N VAL B 208 -25.07 -8.51 13.93
CA VAL B 208 -24.32 -7.26 13.96
C VAL B 208 -23.93 -6.74 12.58
N LEU B 209 -23.31 -7.59 11.78
CA LEU B 209 -22.85 -7.17 10.48
C LEU B 209 -24.02 -6.82 9.55
N ASN B 210 -25.03 -7.69 9.51
CA ASN B 210 -26.18 -7.49 8.63
C ASN B 210 -27.00 -6.21 8.86
N PRO B 211 -27.21 -5.82 10.14
CA PRO B 211 -27.86 -4.52 10.33
C PRO B 211 -27.06 -3.36 9.72
N GLN B 212 -25.73 -3.42 9.76
CA GLN B 212 -24.93 -2.36 9.16
C GLN B 212 -25.13 -2.31 7.64
N ILE B 213 -25.13 -3.49 7.02
CA ILE B 213 -25.31 -3.61 5.57
C ILE B 213 -26.66 -3.05 5.14
N GLU B 214 -27.70 -3.36 5.91
CA GLU B 214 -29.03 -2.88 5.56
C GLU B 214 -29.16 -1.37 5.70
N TYR B 215 -28.57 -0.80 6.75
CA TYR B 215 -28.58 0.64 6.92
C TYR B 215 -27.86 1.32 5.73
N LEU B 216 -26.70 0.79 5.36
CA LEU B 216 -25.93 1.32 4.23
C LEU B 216 -26.71 1.20 2.93
N THR B 217 -27.43 0.09 2.78
CA THR B 217 -28.26 -0.15 1.60
C THR B 217 -29.39 0.87 1.53
N GLU B 218 -29.92 1.25 2.69
CA GLU B 218 -30.96 2.25 2.77
C GLU B 218 -30.41 3.62 2.37
N CYS B 219 -29.20 3.91 2.81
CA CYS B 219 -28.53 5.17 2.46
C CYS B 219 -28.30 5.30 0.96
N ARG B 220 -27.79 4.24 0.33
CA ARG B 220 -27.63 4.21 -1.12
C ARG B 220 -27.49 2.76 -1.58
N PRO B 221 -28.02 2.44 -2.77
CA PRO B 221 -27.81 1.07 -3.26
C PRO B 221 -26.32 0.74 -3.38
N MET B 222 -25.92 -0.42 -2.88
CA MET B 222 -24.52 -0.75 -2.82
C MET B 222 -23.90 -0.97 -4.18
N CYS B 223 -22.66 -0.52 -4.32
CA CYS B 223 -21.89 -0.75 -5.53
C CYS B 223 -21.33 -2.16 -5.51
N PHE B 224 -20.82 -2.62 -6.65
CA PHE B 224 -20.23 -3.95 -6.76
C PHE B 224 -19.07 -4.16 -5.81
N ALA B 225 -18.24 -3.12 -5.64
CA ALA B 225 -17.07 -3.20 -4.76
C ALA B 225 -17.47 -3.55 -3.32
N MET B 226 -18.51 -2.88 -2.85
CA MET B 226 -19.06 -3.15 -1.53
C MET B 226 -19.67 -4.55 -1.47
N GLY B 227 -20.45 -4.92 -2.50
CA GLY B 227 -21.05 -6.24 -2.53
C GLY B 227 -20.00 -7.33 -2.52
N ASN B 228 -18.97 -7.17 -3.35
CA ASN B 228 -17.88 -8.12 -3.42
C ASN B 228 -17.10 -8.25 -2.12
N ALA B 229 -16.73 -7.11 -1.54
CA ALA B 229 -15.98 -7.10 -0.29
C ALA B 229 -16.76 -7.76 0.83
N ILE B 230 -18.06 -7.47 0.88
CA ILE B 230 -18.95 -8.02 1.89
C ILE B 230 -19.06 -9.55 1.78
N ARG B 231 -19.19 -10.04 0.55
CA ARG B 231 -19.24 -11.48 0.33
C ARG B 231 -17.92 -12.12 0.79
N LEU B 232 -16.79 -11.50 0.45
CA LEU B 232 -15.50 -12.01 0.89
C LEU B 232 -15.37 -11.98 2.41
N LEU B 233 -15.84 -10.91 3.02
CA LEU B 233 -15.79 -10.77 4.47
C LEU B 233 -16.64 -11.84 5.16
N LYS B 234 -17.83 -12.08 4.63
CA LYS B 234 -18.69 -13.10 5.20
C LYS B 234 -18.07 -14.50 5.04
N ALA B 235 -17.45 -14.78 3.89
CA ALA B 235 -16.78 -16.05 3.67
C ALA B 235 -15.65 -16.29 4.66
N LYS B 236 -14.91 -15.23 4.97
CA LYS B 236 -13.84 -15.29 5.96
C LYS B 236 -14.35 -15.65 7.36
N VAL B 237 -15.46 -15.02 7.77
CA VAL B 237 -16.07 -15.28 9.08
C VAL B 237 -16.55 -16.73 9.21
N ASN B 238 -17.14 -17.26 8.15
CA ASN B 238 -17.63 -18.63 8.13
C ASN B 238 -16.52 -19.68 8.23
N LYS B 239 -15.32 -19.31 7.81
CA LYS B 239 -14.20 -20.24 7.90
C LYS B 239 -13.74 -20.38 9.36
N PHE B 240 -14.10 -19.41 10.20
CA PHE B 240 -13.85 -19.49 11.63
C PHE B 240 -14.79 -20.50 12.27
N ASP B 241 -14.41 -21.05 13.42
CA ASP B 241 -15.29 -22.00 14.07
C ASP B 241 -15.76 -21.53 15.43
N ILE B 242 -16.74 -22.26 15.92
CA ILE B 242 -17.33 -22.04 17.22
C ILE B 242 -16.28 -22.12 18.33
N ASN B 243 -15.30 -23.00 18.16
CA ASN B 243 -14.26 -23.20 19.15
C ASN B 243 -13.17 -22.11 19.17
N THR B 244 -12.96 -21.45 18.03
CA THR B 244 -11.94 -20.39 17.95
C THR B 244 -12.23 -19.25 18.90
N PRO B 245 -11.21 -18.83 19.65
CA PRO B 245 -11.42 -17.73 20.60
C PRO B 245 -11.60 -16.41 19.88
N GLU B 246 -12.35 -15.53 20.53
CA GLU B 246 -12.75 -14.26 19.99
C GLU B 246 -11.52 -13.42 19.70
N ASP B 247 -10.55 -13.44 20.60
CA ASP B 247 -9.33 -12.68 20.39
C ASP B 247 -8.65 -12.88 19.02
N GLU B 248 -8.43 -14.13 18.63
CA GLU B 248 -7.77 -14.46 17.36
C GLU B 248 -8.72 -14.30 16.16
N ALA B 249 -10.02 -14.46 16.39
CA ALA B 249 -11.03 -14.20 15.36
C ALA B 249 -11.00 -12.72 14.99
N LYS B 250 -10.95 -11.87 16.01
CA LYS B 250 -10.88 -10.43 15.78
C LYS B 250 -9.59 -10.05 15.08
N GLU B 251 -8.48 -10.63 15.53
CA GLU B 251 -7.20 -10.30 14.93
C GLU B 251 -7.18 -10.71 13.46
N GLY B 252 -7.72 -11.90 13.19
CA GLY B 252 -7.80 -12.41 11.84
C GLY B 252 -8.63 -11.52 10.93
N LEU B 253 -9.78 -11.08 11.41
CA LEU B 253 -10.65 -10.21 10.61
C LEU B 253 -10.05 -8.82 10.37
N LEU B 254 -9.41 -8.24 11.38
CA LEU B 254 -8.82 -6.92 11.26
C LEU B 254 -7.67 -6.91 10.25
N GLU B 255 -6.85 -7.94 10.26
CA GLU B 255 -5.72 -7.96 9.35
C GLU B 255 -6.18 -8.40 7.97
N TRP B 256 -7.29 -9.13 7.90
CA TRP B 256 -7.90 -9.46 6.62
C TRP B 256 -8.45 -8.18 5.94
N ILE B 257 -9.08 -7.31 6.72
CA ILE B 257 -9.57 -6.02 6.21
C ILE B 257 -8.39 -5.16 5.72
N ASP B 258 -7.32 -5.12 6.50
CA ASP B 258 -6.15 -4.34 6.14
C ASP B 258 -5.48 -4.88 4.88
N PHE B 259 -5.45 -6.18 4.76
CA PHE B 259 -4.89 -6.83 3.59
C PHE B 259 -5.74 -6.51 2.36
N LEU B 260 -7.07 -6.51 2.53
CA LEU B 260 -7.99 -6.27 1.42
C LEU B 260 -7.86 -4.84 0.87
N ILE B 261 -7.75 -3.89 1.78
CA ILE B 261 -7.57 -2.48 1.46
C ILE B 261 -6.24 -2.26 0.72
N ASN B 262 -5.17 -2.90 1.20
CA ASN B 262 -3.91 -2.77 0.51
C ASN B 262 -4.00 -3.39 -0.88
N GLU B 263 -4.49 -4.62 -0.95
CA GLU B 263 -4.45 -5.32 -2.23
C GLU B 263 -5.47 -4.80 -3.24
N ARG B 264 -6.69 -4.53 -2.79
CA ARG B 264 -7.74 -4.14 -3.73
C ARG B 264 -7.90 -2.64 -3.92
N ILE B 265 -7.30 -1.83 -3.06
CA ILE B 265 -7.44 -0.39 -3.20
C ILE B 265 -6.12 0.36 -3.33
N THR B 266 -5.35 0.40 -2.24
CA THR B 266 -4.13 1.23 -2.21
C THR B 266 -3.05 0.78 -3.20
N LEU B 267 -2.65 -0.48 -3.12
CA LEU B 267 -1.67 -1.00 -4.03
C LEU B 267 -2.22 -1.09 -5.46
N ALA B 268 -3.52 -1.41 -5.57
CA ALA B 268 -4.17 -1.53 -6.87
C ALA B 268 -4.08 -0.21 -7.64
N GLU B 269 -4.27 0.88 -6.94
CA GLU B 269 -4.20 2.17 -7.60
C GLU B 269 -2.80 2.40 -8.20
N TYR B 270 -1.76 2.10 -7.41
CA TYR B 270 -0.40 2.28 -7.85
C TYR B 270 -0.09 1.41 -9.05
N VAL B 271 -0.48 0.13 -8.95
CA VAL B 271 -0.16 -0.82 -9.99
C VAL B 271 -0.83 -0.50 -11.30
N ILE B 272 -2.11 -0.14 -11.23
CA ILE B 272 -2.84 0.20 -12.45
C ILE B 272 -2.22 1.40 -13.13
N ALA B 273 -1.95 2.46 -12.37
CA ALA B 273 -1.41 3.69 -12.93
C ALA B 273 -0.05 3.48 -13.54
N ARG B 274 0.80 2.75 -12.83
CA ARG B 274 2.15 2.50 -13.32
C ARG B 274 2.06 1.64 -14.58
N ASN B 275 1.25 0.57 -14.53
CA ASN B 275 1.13 -0.30 -15.70
C ASN B 275 0.42 0.35 -16.87
N ALA B 276 -0.59 1.18 -16.62
CA ALA B 276 -1.25 1.89 -17.70
C ALA B 276 -0.32 2.93 -18.35
N ALA B 277 0.52 3.58 -17.53
CA ALA B 277 1.47 4.56 -18.05
C ALA B 277 2.48 3.90 -19.01
N GLN B 278 2.70 2.60 -18.86
CA GLN B 278 3.57 1.87 -19.79
C GLN B 278 3.05 1.97 -21.23
N SER B 279 1.73 1.99 -21.35
CA SER B 279 1.04 2.13 -22.62
C SER B 279 1.17 3.53 -23.24
N ILE B 280 1.38 4.55 -22.41
CA ILE B 280 1.57 5.91 -22.90
C ILE B 280 3.01 6.12 -23.36
N ASN B 281 3.20 6.72 -24.54
CA ASN B 281 4.54 6.92 -25.09
C ASN B 281 4.72 8.37 -25.52
N ASP B 282 5.96 8.76 -25.78
CA ASP B 282 6.26 10.15 -26.12
C ASP B 282 5.61 10.56 -27.44
N GLY B 283 5.04 11.76 -27.47
CA GLY B 283 4.37 12.28 -28.65
C GLY B 283 2.93 11.86 -28.81
N ASP B 284 2.43 11.10 -27.85
CA ASP B 284 1.05 10.61 -27.89
C ASP B 284 0.02 11.70 -27.62
N THR B 285 -1.19 11.49 -28.13
CA THR B 285 -2.31 12.31 -27.72
C THR B 285 -3.30 11.45 -26.98
N ILE B 286 -3.61 11.88 -25.76
CA ILE B 286 -4.48 11.16 -24.85
C ILE B 286 -5.80 11.90 -24.70
N VAL B 287 -6.92 11.16 -24.80
CA VAL B 287 -8.24 11.70 -24.59
C VAL B 287 -8.87 11.05 -23.38
N THR B 288 -9.50 11.85 -22.53
CA THR B 288 -10.23 11.30 -21.42
C THR B 288 -11.52 12.10 -21.19
N TYR B 289 -12.39 11.57 -20.35
CA TYR B 289 -13.69 12.19 -20.12
C TYR B 289 -13.93 12.43 -18.64
N GLY B 290 -14.21 13.68 -18.29
CA GLY B 290 -14.45 14.03 -16.91
C GLY B 290 -13.19 13.83 -16.11
N ARG B 291 -13.33 13.62 -14.80
CA ARG B 291 -12.18 13.36 -13.96
C ARG B 291 -12.30 12.02 -13.25
N HIS B 292 -11.50 11.06 -13.66
CA HIS B 292 -11.47 9.79 -12.97
C HIS B 292 -10.11 9.62 -12.32
N ARG B 293 -10.13 9.20 -11.06
CA ARG B 293 -8.92 9.09 -10.26
C ARG B 293 -7.85 8.19 -10.92
N LEU B 294 -8.23 7.04 -11.47
CA LEU B 294 -7.25 6.16 -12.10
C LEU B 294 -6.57 6.81 -13.30
N VAL B 295 -7.37 7.49 -14.12
CA VAL B 295 -6.84 8.17 -15.30
C VAL B 295 -5.91 9.31 -14.89
N GLU B 296 -6.35 10.08 -13.90
CA GLU B 296 -5.54 11.17 -13.38
C GLU B 296 -4.17 10.66 -12.88
N LYS B 297 -4.21 9.59 -12.06
CA LYS B 297 -2.98 9.01 -11.53
C LYS B 297 -2.07 8.49 -12.65
N THR B 298 -2.65 7.90 -13.68
CA THR B 298 -1.90 7.36 -14.83
C THR B 298 -1.21 8.48 -15.59
N LEU B 299 -1.94 9.55 -15.87
CA LEU B 299 -1.36 10.67 -16.61
C LEU B 299 -0.22 11.35 -15.83
N LEU B 300 -0.39 11.55 -14.53
CA LEU B 300 0.65 12.14 -13.68
C LEU B 300 1.89 11.27 -13.61
N ARG B 301 1.67 9.95 -13.59
CA ARG B 301 2.78 9.00 -13.56
C ARG B 301 3.61 9.07 -14.85
N ALA B 302 2.93 9.08 -15.98
CA ALA B 302 3.58 9.12 -17.29
C ALA B 302 4.38 10.39 -17.42
N ARG B 303 3.84 11.47 -16.88
CA ARG B 303 4.55 12.74 -16.85
C ARG B 303 5.80 12.68 -15.94
N LYS B 304 5.66 12.06 -14.78
CA LYS B 304 6.77 11.95 -13.84
C LYS B 304 7.91 11.08 -14.39
N GLU B 305 7.53 10.11 -15.25
CA GLU B 305 8.48 9.25 -15.94
C GLU B 305 9.26 10.00 -17.03
N GLY B 306 8.88 11.26 -17.27
CA GLY B 306 9.61 12.10 -18.20
C GLY B 306 9.01 12.14 -19.60
N LYS B 307 7.87 11.48 -19.78
CA LYS B 307 7.20 11.41 -21.07
C LYS B 307 6.49 12.72 -21.40
N SER B 308 6.53 13.12 -22.67
CA SER B 308 5.81 14.32 -23.09
C SER B 308 4.69 13.97 -24.08
N PHE B 309 3.48 14.36 -23.72
CA PHE B 309 2.31 13.95 -24.46
C PHE B 309 1.21 15.01 -24.32
N ASN B 310 0.18 14.89 -25.14
CA ASN B 310 -0.93 15.82 -25.10
C ASN B 310 -2.13 15.19 -24.47
N VAL B 311 -2.89 16.01 -23.75
CA VAL B 311 -4.13 15.51 -23.20
C VAL B 311 -5.33 16.37 -23.63
N THR B 312 -6.37 15.70 -24.13
CA THR B 312 -7.64 16.35 -24.38
C THR B 312 -8.59 15.89 -23.29
N VAL B 313 -9.17 16.84 -22.57
CA VAL B 313 -10.14 16.49 -21.53
C VAL B 313 -11.55 16.90 -21.94
N LEU B 314 -12.41 15.90 -22.06
CA LEU B 314 -13.79 16.12 -22.44
C LEU B 314 -14.62 16.14 -21.17
N ASP B 315 -15.75 16.82 -21.19
CA ASP B 315 -16.52 16.94 -19.96
C ASP B 315 -18.03 16.86 -20.11
N ASP B 316 -18.66 16.70 -18.96
CA ASP B 316 -20.10 16.80 -18.85
C ASP B 316 -20.37 18.28 -18.51
N PRO B 317 -21.15 18.99 -19.33
CA PRO B 317 -21.38 20.42 -19.10
C PRO B 317 -22.05 20.69 -17.76
N TYR B 318 -22.90 19.77 -17.35
CA TYR B 318 -23.59 19.81 -16.06
C TYR B 318 -22.74 19.49 -14.83
N VAL B 319 -21.78 18.56 -14.94
CA VAL B 319 -20.85 18.26 -13.85
C VAL B 319 -19.60 19.17 -13.78
N GLY B 320 -18.86 19.26 -14.87
CA GLY B 320 -17.67 20.11 -14.95
C GLY B 320 -16.39 19.70 -14.23
N GLU B 321 -16.33 18.47 -13.74
CA GLU B 321 -15.18 17.98 -12.99
C GLU B 321 -13.89 17.93 -13.83
N GLY B 322 -14.05 17.67 -15.13
CA GLY B 322 -12.93 17.62 -16.04
C GLY B 322 -12.10 18.89 -16.02
N LYS B 323 -12.73 20.02 -15.75
CA LYS B 323 -12.02 21.30 -15.66
C LYS B 323 -10.99 21.27 -14.53
N GLU B 324 -11.35 20.64 -13.41
CA GLU B 324 -10.40 20.47 -12.31
C GLU B 324 -9.21 19.59 -12.70
N LEU B 325 -9.51 18.48 -13.39
CA LEU B 325 -8.48 17.58 -13.88
C LEU B 325 -7.49 18.32 -14.77
N ALA B 326 -8.02 19.16 -15.65
CA ALA B 326 -7.21 19.94 -16.57
C ALA B 326 -6.25 20.85 -15.81
N LYS B 327 -6.72 21.42 -14.70
CA LYS B 327 -5.90 22.26 -13.82
C LYS B 327 -4.73 21.45 -13.26
N VAL B 328 -5.04 20.29 -12.69
CA VAL B 328 -4.04 19.43 -12.10
C VAL B 328 -2.98 19.03 -13.13
N LEU B 329 -3.42 18.69 -14.33
CA LEU B 329 -2.49 18.26 -15.37
C LEU B 329 -1.60 19.41 -15.83
N ARG B 330 -2.17 20.59 -15.97
CA ARG B 330 -1.41 21.78 -16.34
C ARG B 330 -0.35 22.13 -15.31
N HIS B 331 -0.70 22.01 -14.03
CA HIS B 331 0.25 22.26 -12.95
C HIS B 331 1.40 21.27 -13.05
N ALA B 332 1.09 20.06 -13.49
CA ALA B 332 2.08 19.01 -13.63
C ALA B 332 2.97 19.21 -14.86
N GLY B 333 2.59 20.14 -15.72
CA GLY B 333 3.41 20.40 -16.88
C GLY B 333 2.90 19.71 -18.13
N ILE B 334 1.69 19.17 -18.07
CA ILE B 334 1.09 18.53 -19.23
C ILE B 334 0.25 19.52 -20.03
N PRO B 335 0.52 19.65 -21.33
CA PRO B 335 -0.33 20.52 -22.16
C PRO B 335 -1.70 19.89 -22.36
N VAL B 336 -2.75 20.61 -21.96
CA VAL B 336 -4.09 20.04 -22.01
C VAL B 336 -5.07 20.93 -22.75
N LEU B 337 -5.86 20.28 -23.60
CA LEU B 337 -6.97 20.92 -24.28
C LEU B 337 -8.27 20.48 -23.59
N TYR B 338 -9.02 21.44 -23.06
CA TYR B 338 -10.24 21.14 -22.33
C TYR B 338 -11.48 21.53 -23.12
N SER B 339 -12.45 20.62 -23.15
CA SER B 339 -13.73 20.90 -23.77
C SER B 339 -14.83 20.66 -22.74
N PRO B 340 -15.71 21.65 -22.53
CA PRO B 340 -16.78 21.56 -21.53
C PRO B 340 -17.85 20.54 -21.90
N ASN B 341 -17.90 20.11 -23.15
CA ASN B 341 -18.95 19.20 -23.62
C ASN B 341 -18.46 18.12 -24.58
N LEU B 342 -19.40 17.30 -25.06
CA LEU B 342 -19.16 16.32 -26.11
C LEU B 342 -19.56 16.80 -27.49
N GLY B 343 -19.72 18.10 -27.67
CA GLY B 343 -20.04 18.63 -28.99
C GLY B 343 -18.86 18.50 -29.92
N GLY B 344 -19.11 18.17 -31.19
CA GLY B 344 -18.04 18.02 -32.18
C GLY B 344 -17.09 16.91 -31.78
N LEU B 345 -17.68 15.81 -31.33
CA LEU B 345 -16.96 14.67 -30.80
C LEU B 345 -16.01 14.09 -31.84
N ARG B 346 -16.45 14.12 -33.10
CA ARG B 346 -15.64 13.67 -34.22
C ARG B 346 -14.34 14.45 -34.33
N SER B 347 -14.44 15.77 -34.14
CA SER B 347 -13.27 16.65 -34.11
C SER B 347 -12.30 16.28 -32.99
N LYS B 348 -12.85 16.09 -31.80
CA LYS B 348 -12.08 15.89 -30.59
C LYS B 348 -11.29 14.57 -30.49
N VAL B 349 -11.82 13.49 -31.06
CA VAL B 349 -11.18 12.19 -30.91
C VAL B 349 -10.63 11.62 -32.21
N PRO B 350 -9.38 12.00 -32.58
CA PRO B 350 -8.82 11.52 -33.85
C PRO B 350 -8.41 10.05 -33.78
N ALA B 351 -8.11 9.46 -34.93
CA ALA B 351 -7.73 8.05 -35.00
C ALA B 351 -6.43 7.76 -34.26
N ALA B 352 -5.48 8.69 -34.34
CA ALA B 352 -4.18 8.54 -33.70
C ALA B 352 -4.26 8.62 -32.16
N SER B 353 -5.27 9.29 -31.62
CA SER B 353 -5.41 9.51 -30.18
C SER B 353 -5.63 8.24 -29.38
N ASN B 354 -5.33 8.31 -28.08
CA ASN B 354 -5.74 7.22 -27.19
C ASN B 354 -6.67 7.71 -26.12
N VAL B 355 -7.76 6.96 -25.92
CA VAL B 355 -8.71 7.34 -24.88
C VAL B 355 -8.57 6.37 -23.69
N PHE B 356 -8.37 6.99 -22.54
CA PHE B 356 -8.28 6.32 -21.26
C PHE B 356 -9.51 6.68 -20.49
N LEU B 357 -10.24 5.67 -20.05
CA LEU B 357 -11.49 5.84 -19.32
C LEU B 357 -11.53 5.05 -18.02
N GLY B 358 -12.25 5.59 -17.04
CA GLY B 358 -12.51 4.94 -15.77
C GLY B 358 -14.02 4.95 -15.49
N GLY B 359 -14.46 4.12 -14.55
CA GLY B 359 -15.86 3.97 -14.19
C GLY B 359 -16.13 3.62 -12.74
N GLU B 360 -17.38 3.19 -12.46
CA GLU B 360 -17.76 2.66 -11.14
C GLU B 360 -17.82 1.13 -11.09
N ALA B 361 -18.06 0.48 -12.22
CA ALA B 361 -18.15 -0.98 -12.24
C ALA B 361 -18.00 -1.57 -13.62
N ILE B 362 -17.71 -2.88 -13.64
CA ILE B 362 -17.76 -3.62 -14.88
C ILE B 362 -18.69 -4.82 -14.72
N PHE B 363 -19.64 -4.92 -15.63
CA PHE B 363 -20.65 -5.97 -15.55
C PHE B 363 -20.17 -7.30 -16.06
N ALA B 364 -20.98 -8.32 -15.77
CA ALA B 364 -20.65 -9.70 -16.14
C ALA B 364 -20.50 -9.90 -17.64
N ASN B 365 -21.28 -9.15 -18.42
CA ASN B 365 -21.14 -9.22 -19.86
C ASN B 365 -19.91 -8.43 -20.30
N GLY B 366 -19.24 -7.77 -19.34
CA GLY B 366 -18.00 -7.07 -19.64
C GLY B 366 -18.11 -5.61 -19.97
N SER B 367 -19.30 -5.05 -19.82
CA SER B 367 -19.56 -3.65 -20.12
C SER B 367 -19.23 -2.71 -18.97
N LEU B 368 -18.94 -1.44 -19.30
CA LEU B 368 -18.50 -0.49 -18.28
C LEU B 368 -19.60 0.47 -17.82
N HIS B 369 -19.85 0.39 -16.53
CA HIS B 369 -20.75 1.30 -15.84
C HIS B 369 -19.91 2.50 -15.44
N ALA B 370 -20.26 3.66 -15.98
CA ALA B 370 -19.42 4.85 -15.82
C ALA B 370 -20.28 6.11 -15.95
N PRO B 371 -19.74 7.27 -15.54
CA PRO B 371 -20.52 8.53 -15.66
C PRO B 371 -21.05 8.78 -17.08
N SER B 372 -22.25 9.34 -17.17
CA SER B 372 -22.97 9.53 -18.42
C SER B 372 -22.16 10.35 -19.43
N GLY B 373 -22.14 9.88 -20.68
CA GLY B 373 -21.33 10.49 -21.71
C GLY B 373 -20.06 9.70 -21.99
N THR B 374 -19.72 8.78 -21.09
CA THR B 374 -18.54 7.92 -21.26
C THR B 374 -18.74 7.07 -22.50
N ALA B 375 -19.95 6.56 -22.68
CA ALA B 375 -20.29 5.70 -23.80
C ALA B 375 -20.14 6.45 -25.12
N ASP B 376 -20.52 7.72 -25.12
CA ASP B 376 -20.41 8.56 -26.31
C ASP B 376 -18.95 8.75 -26.74
N VAL B 377 -18.08 8.99 -25.76
CA VAL B 377 -16.66 9.12 -26.01
C VAL B 377 -16.10 7.81 -26.54
N ALA B 378 -16.47 6.70 -25.91
CA ALA B 378 -15.97 5.40 -26.34
C ALA B 378 -16.42 5.03 -27.77
N MET B 379 -17.69 5.24 -28.07
CA MET B 379 -18.24 4.94 -29.38
C MET B 379 -17.60 5.80 -30.47
N ALA B 380 -17.40 7.07 -30.18
CA ALA B 380 -16.78 7.97 -31.13
C ALA B 380 -15.37 7.50 -31.43
N ALA B 381 -14.65 7.10 -30.38
CA ALA B 381 -13.27 6.66 -30.50
C ALA B 381 -13.14 5.36 -31.29
N THR B 382 -14.01 4.39 -30.99
CA THR B 382 -14.03 3.11 -31.69
C THR B 382 -14.37 3.29 -33.17
N ASN B 383 -15.26 4.22 -33.45
CA ASN B 383 -15.62 4.47 -34.83
C ASN B 383 -14.52 5.28 -35.55
N ALA B 384 -13.80 6.08 -34.78
CA ALA B 384 -12.64 6.79 -35.30
C ALA B 384 -11.48 5.86 -35.52
N GLY B 385 -11.50 4.71 -34.84
CA GLY B 385 -10.43 3.74 -34.92
C GLY B 385 -9.39 3.93 -33.85
N ALA B 386 -9.61 4.87 -32.95
CA ALA B 386 -8.71 5.08 -31.83
C ALA B 386 -8.89 4.00 -30.77
N LYS B 387 -7.79 3.59 -30.15
CA LYS B 387 -7.85 2.58 -29.11
C LYS B 387 -8.53 3.15 -27.87
N VAL B 388 -9.35 2.32 -27.20
CA VAL B 388 -10.06 2.73 -25.99
C VAL B 388 -9.63 1.87 -24.79
N ILE B 389 -8.88 2.46 -23.87
CA ILE B 389 -8.36 1.70 -22.71
C ILE B 389 -9.11 2.07 -21.44
N VAL B 390 -9.63 1.05 -20.77
CA VAL B 390 -10.42 1.26 -19.57
C VAL B 390 -9.59 0.84 -18.38
N LEU B 391 -9.54 1.69 -17.37
CA LEU B 391 -8.79 1.39 -16.16
C LEU B 391 -9.75 1.06 -15.03
N CYS B 392 -9.63 -0.11 -14.42
CA CYS B 392 -10.56 -0.47 -13.34
C CYS B 392 -9.99 -1.54 -12.37
N GLU B 393 -10.30 -1.41 -11.08
CA GLU B 393 -9.86 -2.39 -10.07
C GLU B 393 -10.72 -3.66 -10.13
N THR B 394 -10.15 -4.81 -9.78
CA THR B 394 -10.89 -6.07 -9.91
C THR B 394 -12.13 -6.11 -9.04
N ILE B 395 -12.06 -5.45 -7.88
CA ILE B 395 -13.14 -5.45 -6.89
C ILE B 395 -14.40 -4.79 -7.47
N ASN B 396 -14.23 -4.01 -8.55
CA ASN B 396 -15.37 -3.37 -9.20
C ASN B 396 -16.05 -4.27 -10.23
N PHE B 397 -15.42 -5.38 -10.57
CA PHE B 397 -16.00 -6.35 -11.48
C PHE B 397 -17.08 -7.15 -10.81
N ASP B 398 -18.16 -7.38 -11.52
CA ASP B 398 -19.24 -8.24 -11.05
C ASP B 398 -18.99 -9.70 -11.34
N ARG B 399 -18.71 -10.48 -10.32
CA ARG B 399 -19.01 -11.92 -10.31
C ARG B 399 -18.81 -12.46 -8.89
N LEU B 424 -30.34 7.95 -11.49
CA LEU B 424 -28.88 7.82 -11.41
C LEU B 424 -28.22 8.10 -12.76
N LEU B 425 -27.20 8.98 -12.75
CA LEU B 425 -26.56 9.46 -13.97
C LEU B 425 -25.31 8.63 -14.39
N PHE B 426 -25.56 7.37 -14.70
CA PHE B 426 -24.55 6.47 -15.23
C PHE B 426 -25.02 5.97 -16.59
N ASP B 427 -24.09 5.68 -17.49
CA ASP B 427 -24.49 5.02 -18.72
C ASP B 427 -23.64 3.76 -18.85
N ASN B 428 -23.99 2.90 -19.80
CA ASN B 428 -23.29 1.64 -19.97
C ASN B 428 -22.51 1.61 -21.30
N THR B 429 -21.21 1.32 -21.23
CA THR B 429 -20.41 1.18 -22.44
C THR B 429 -20.21 -0.29 -22.78
N HIS B 430 -20.78 -0.72 -23.91
CA HIS B 430 -20.71 -2.11 -24.33
C HIS B 430 -19.27 -2.50 -24.69
N GLU B 431 -18.95 -3.77 -24.52
CA GLU B 431 -17.61 -4.34 -24.75
C GLU B 431 -17.06 -4.07 -26.15
N ARG B 432 -17.96 -3.93 -27.11
CA ARG B 432 -17.61 -3.66 -28.49
C ARG B 432 -16.77 -2.39 -28.61
N TYR B 433 -16.96 -1.47 -27.69
CA TYR B 433 -16.25 -0.20 -27.75
C TYR B 433 -15.06 -0.12 -26.81
N ILE B 434 -14.67 -1.24 -26.23
CA ILE B 434 -13.50 -1.25 -25.35
C ILE B 434 -12.35 -2.11 -25.91
N THR B 435 -11.21 -1.49 -26.18
CA THR B 435 -10.07 -2.23 -26.72
C THR B 435 -9.55 -3.20 -25.68
N GLY B 436 -9.35 -2.71 -24.48
CA GLY B 436 -8.89 -3.55 -23.38
C GLY B 436 -9.07 -2.88 -22.02
N VAL B 437 -9.05 -3.71 -20.98
CA VAL B 437 -9.16 -3.21 -19.62
C VAL B 437 -7.88 -3.53 -18.87
N ILE B 438 -7.34 -2.52 -18.20
CA ILE B 438 -6.17 -2.72 -17.35
C ILE B 438 -6.61 -2.68 -15.90
N THR B 439 -6.29 -3.76 -15.17
CA THR B 439 -6.62 -3.91 -13.75
C THR B 439 -5.30 -4.06 -12.98
N GLU B 440 -5.38 -4.23 -11.66
CA GLU B 440 -4.19 -4.44 -10.84
C GLU B 440 -3.57 -5.83 -11.00
N ILE B 441 -4.24 -6.74 -11.69
CA ILE B 441 -3.70 -8.08 -11.87
C ILE B 441 -2.45 -8.10 -12.75
N GLU B 442 -1.35 -8.55 -12.17
CA GLU B 442 -0.14 -8.73 -12.95
C GLU B 442 0.09 -10.22 -13.24
N PHE B 443 0.68 -10.51 -14.39
CA PHE B 443 0.96 -11.89 -14.80
C PHE B 443 -0.34 -12.69 -15.06
#